data_8TIZ
#
_entry.id   8TIZ
#
_cell.length_a   74.220
_cell.length_b   127.633
_cell.length_c   137.433
_cell.angle_alpha   90.000
_cell.angle_beta   90.000
_cell.angle_gamma   90.000
#
_symmetry.space_group_name_H-M   'I 2 2 2'
#
loop_
_entity.id
_entity.type
_entity.pdbx_description
1 polymer "DNA (5'-D(CP*CP*CP*GP*GP*AP*CP*CP*TP*GP*TP*GP*AP*CP*AP*AP*AP*TP*TP*GP*CP*CP*CP*TP*CP*AP*GP*AP*CP*GP*G)-3')|"
2 polymer "DNA (5'-D(GP*GP*CP*CP*GP*TP*CP*TP*GP*AP*GP*GP*GP*CP*AP*AP*TP*TP*TP*GP*TP*CP*AP*CP*AP*GP*GP*TP*CP*CP*GP)-3')"
3 polymer 'Replication initiation protein'
4 non-polymer 'MAGNESIUM ION'
5 water water
#
loop_
_entity_poly.entity_id
_entity_poly.type
_entity_poly.pdbx_seq_one_letter_code
_entity_poly.pdbx_strand_id
1 'polydeoxyribonucleotide'
;(DC)(DC)(DC)(DG)(DG)(DA)(DC)(DC)(DT)(DG)(DT)(DG)(DA)(DC)(DA)(DA)(DA)(DT)(DT)(DG)
(DC)(DC)(DC)(DT)(DC)(DA)(DG)(DA)(DC)(DG)(DG)
;
A
2 'polydeoxyribonucleotide'
;(DG)(DG)(DC)(DC)(DG)(DT)(DC)(DT)(DG)(DA)(DG)(DG)(DG)(DC)(DA)(DA)(DT)(DT)(DT)(DG)
(DT)(DC)(DA)(DC)(DA)(DG)(DG)(DT)(DC)(DC)(DG)
;
B
3 'polypeptide(L)'
;MRGSHHHHHHGSMAETAVINHKKRKNSPRIVQSNDLTEAAYSLSRDQKRMLYLFVDQIRKSDGTLQEHDGICEIHVAKYA
EIFGLTSAEASKDIRQALKSFAGKEVVFYRPEEDAGDEKGYESFPWFIKPAHSPSRGLYSVHINPYLIPFFIGLQNRFTQ
FRLSETKEITNPYAMRLYESLCQYRKPDGSGIVSLKIDWIIERYQLPQSYQRMPDFRRRFLQVCVNEINSRTPMRLSYIE
KKKGRQTTHIVFSFRDITSMTTG
;
C
#
# COMPACT_ATOMS: atom_id res chain seq x y z
N SER C 27 8.34 14.65 -8.97
CA SER C 27 8.59 13.24 -8.66
C SER C 27 7.44 12.36 -9.22
N PRO C 28 7.64 11.04 -9.30
CA PRO C 28 6.68 10.17 -10.00
C PRO C 28 5.26 10.20 -9.43
N ARG C 29 4.25 10.33 -10.33
CA ARG C 29 2.84 10.32 -9.95
C ARG C 29 2.24 8.91 -10.11
N ILE C 30 2.00 8.21 -8.98
CA ILE C 30 1.33 6.90 -8.99
C ILE C 30 -0.16 7.09 -9.22
N VAL C 31 -0.75 6.30 -10.13
CA VAL C 31 -2.20 6.23 -10.21
C VAL C 31 -2.57 4.75 -10.25
N GLN C 32 -3.73 4.41 -9.67
CA GLN C 32 -4.16 3.02 -9.64
C GLN C 32 -5.67 2.91 -9.52
N SER C 33 -6.20 1.82 -10.09
CA SER C 33 -7.62 1.51 -9.95
C SER C 33 -8.03 1.37 -8.49
N ASN C 34 -9.22 1.89 -8.20
CA ASN C 34 -9.75 1.72 -6.86
C ASN C 34 -9.82 0.25 -6.48
N ASP C 35 -9.95 -0.65 -7.46
CA ASP C 35 -10.01 -2.07 -7.12
C ASP C 35 -8.75 -2.55 -6.44
N LEU C 36 -7.60 -1.94 -6.75
CA LEU C 36 -6.36 -2.27 -6.08
C LEU C 36 -6.28 -1.62 -4.70
N THR C 37 -6.71 -0.37 -4.59
CA THR C 37 -6.70 0.29 -3.30
C THR C 37 -7.49 -0.50 -2.27
N GLU C 38 -8.57 -1.13 -2.72
CA GLU C 38 -9.48 -1.83 -1.83
C GLU C 38 -9.31 -3.34 -1.88
N ALA C 39 -8.25 -3.85 -2.51
CA ALA C 39 -8.05 -5.30 -2.58
C ALA C 39 -7.59 -5.87 -1.24
N ALA C 40 -7.77 -7.17 -1.08
CA ALA C 40 -7.30 -7.89 0.10
C ALA C 40 -5.97 -8.55 -0.20
N TYR C 41 -4.94 -8.16 0.55
CA TYR C 41 -3.61 -8.72 0.39
C TYR C 41 -2.76 -8.35 1.61
N SER C 42 -1.62 -9.03 1.74
CA SER C 42 -0.68 -8.78 2.82
C SER C 42 0.71 -8.60 2.23
N LEU C 43 1.21 -7.38 2.18
CA LEU C 43 2.55 -7.13 1.67
C LEU C 43 3.39 -6.33 2.65
N SER C 44 4.70 -6.58 2.62
CA SER C 44 5.59 -5.78 3.43
C SER C 44 5.81 -4.40 2.82
N ARG C 45 6.45 -3.52 3.62
CA ARG C 45 6.83 -2.19 3.11
C ARG C 45 7.70 -2.31 1.88
N ASP C 46 8.77 -3.10 1.99
CA ASP C 46 9.70 -3.24 0.88
C ASP C 46 8.95 -3.76 -0.34
N GLN C 47 8.03 -4.71 -0.15
CA GLN C 47 7.26 -5.20 -1.28
C GLN C 47 6.35 -4.12 -1.85
N LYS C 48 5.70 -3.35 -0.99
CA LYS C 48 4.83 -2.29 -1.50
C LYS C 48 5.61 -1.23 -2.27
N ARG C 49 6.83 -0.93 -1.83
CA ARG C 49 7.68 0.03 -2.55
C ARG C 49 7.96 -0.43 -3.97
N MET C 50 8.41 -1.66 -4.13
CA MET C 50 8.59 -2.24 -5.46
C MET C 50 7.28 -2.21 -6.24
N LEU C 51 6.17 -2.55 -5.57
CA LEU C 51 4.89 -2.61 -6.29
C LEU C 51 4.53 -1.26 -6.89
N TYR C 52 4.91 -0.15 -6.24
CA TYR C 52 4.58 1.13 -6.85
C TYR C 52 5.30 1.30 -8.17
N LEU C 53 6.55 0.81 -8.25
CA LEU C 53 7.29 0.99 -9.49
C LEU C 53 6.77 0.06 -10.58
N PHE C 54 6.39 -1.17 -10.23
CA PHE C 54 5.78 -2.06 -11.22
C PHE C 54 4.54 -1.42 -11.83
N VAL C 55 3.64 -0.93 -10.98
CA VAL C 55 2.43 -0.26 -11.47
C VAL C 55 2.81 0.92 -12.35
N ASP C 56 3.88 1.65 -11.99
CA ASP C 56 4.36 2.75 -12.82
C ASP C 56 4.90 2.27 -14.17
N GLN C 57 5.69 1.20 -14.16
CA GLN C 57 6.26 0.70 -15.41
C GLN C 57 5.16 0.21 -16.34
N ILE C 58 4.30 -0.68 -15.85
CA ILE C 58 3.18 -1.23 -16.61
C ILE C 58 2.36 -0.11 -17.28
N ARG C 59 1.97 0.89 -16.48
CA ARG C 59 1.07 1.93 -16.97
C ARG C 59 1.71 2.76 -18.10
N LYS C 60 3.04 2.92 -18.08
CA LYS C 60 3.77 3.68 -19.09
C LYS C 60 4.06 2.74 -20.28
N SER C 61 3.01 2.50 -21.07
CA SER C 61 3.07 1.67 -22.28
C SER C 61 1.85 1.89 -23.18
N ASP C 69 2.64 -7.01 -21.56
CA ASP C 69 3.03 -8.39 -21.33
C ASP C 69 3.36 -8.74 -19.85
N GLY C 70 3.64 -7.74 -19.01
CA GLY C 70 3.85 -7.95 -17.59
C GLY C 70 5.27 -8.11 -17.06
N ILE C 71 6.28 -8.05 -17.91
CA ILE C 71 7.67 -8.22 -17.48
C ILE C 71 8.24 -6.85 -17.11
N CYS C 72 8.61 -6.68 -15.84
CA CYS C 72 9.16 -5.43 -15.33
C CYS C 72 10.61 -5.62 -14.87
N GLU C 73 11.25 -4.51 -14.49
CA GLU C 73 12.67 -4.53 -14.15
C GLU C 73 12.97 -3.53 -13.04
N ILE C 74 13.94 -3.87 -12.20
CA ILE C 74 14.36 -3.00 -11.10
C ILE C 74 15.88 -2.93 -11.06
N HIS C 75 16.42 -1.72 -11.02
CA HIS C 75 17.86 -1.51 -10.89
C HIS C 75 18.18 -1.21 -9.45
N VAL C 76 19.14 -1.94 -8.89
CA VAL C 76 19.56 -1.73 -7.51
C VAL C 76 19.88 -0.26 -7.28
N ALA C 77 20.74 0.31 -8.12
CA ALA C 77 21.25 1.66 -7.90
C ALA C 77 20.14 2.72 -8.00
N LYS C 78 19.13 2.50 -8.84
CA LYS C 78 18.00 3.44 -8.88
C LYS C 78 17.13 3.38 -7.64
N TYR C 79 16.80 2.16 -7.19
CA TYR C 79 16.03 2.00 -5.97
C TYR C 79 16.72 2.70 -4.81
N ALA C 80 18.03 2.52 -4.67
CA ALA C 80 18.76 3.14 -3.57
C ALA C 80 18.62 4.65 -3.63
N GLU C 81 18.73 5.22 -4.82
CA GLU C 81 18.62 6.68 -4.88
C GLU C 81 17.20 7.15 -4.57
N ILE C 82 16.19 6.42 -5.03
CA ILE C 82 14.80 6.84 -4.82
C ILE C 82 14.46 6.91 -3.33
N PHE C 83 14.82 5.87 -2.57
CA PHE C 83 14.43 5.73 -1.17
C PHE C 83 15.57 6.02 -0.18
N GLY C 84 16.64 6.67 -0.62
CA GLY C 84 17.78 7.00 0.22
C GLY C 84 18.43 5.87 1.01
N LEU C 85 18.71 4.76 0.34
CA LEU C 85 19.41 3.63 0.92
C LEU C 85 20.79 3.49 0.28
N THR C 86 21.67 2.76 0.95
CA THR C 86 22.91 2.33 0.31
C THR C 86 22.62 1.22 -0.71
N SER C 87 23.57 0.98 -1.59
CA SER C 87 23.40 -0.12 -2.54
C SER C 87 23.26 -1.46 -1.81
N ALA C 88 24.08 -1.67 -0.79
CA ALA C 88 24.02 -2.91 -0.03
C ALA C 88 22.63 -3.12 0.57
N GLU C 89 22.13 -2.12 1.30
CA GLU C 89 20.84 -2.33 1.94
C GLU C 89 19.71 -2.40 0.93
N ALA C 90 19.80 -1.66 -0.17
CA ALA C 90 18.89 -1.86 -1.28
C ALA C 90 18.92 -3.32 -1.75
N SER C 91 20.11 -3.83 -2.07
CA SER C 91 20.23 -5.22 -2.48
C SER C 91 19.55 -6.15 -1.50
N LYS C 92 19.80 -5.96 -0.21
CA LYS C 92 19.13 -6.79 0.78
C LYS C 92 17.61 -6.62 0.68
N ASP C 93 17.14 -5.38 0.50
CA ASP C 93 15.71 -5.17 0.47
C ASP C 93 15.08 -5.81 -0.77
N ILE C 94 15.62 -5.55 -1.95
CA ILE C 94 15.08 -6.18 -3.16
C ILE C 94 15.09 -7.69 -3.03
N ARG C 95 16.24 -8.27 -2.68
CA ARG C 95 16.37 -9.73 -2.66
C ARG C 95 15.36 -10.41 -1.72
N GLN C 96 15.22 -9.93 -0.50
CA GLN C 96 14.38 -10.68 0.42
C GLN C 96 12.90 -10.50 0.11
N ALA C 97 12.51 -9.27 -0.21
CA ALA C 97 11.18 -8.98 -0.71
C ALA C 97 10.80 -9.92 -1.84
N LEU C 98 11.71 -10.09 -2.79
CA LEU C 98 11.40 -10.82 -4.01
C LEU C 98 11.10 -12.28 -3.74
N LYS C 99 11.88 -12.92 -2.88
CA LYS C 99 11.57 -14.32 -2.59
C LYS C 99 10.36 -14.47 -1.69
N SER C 100 9.92 -13.41 -1.02
CA SER C 100 8.74 -13.53 -0.21
C SER C 100 7.46 -13.33 -0.98
N PHE C 101 7.54 -13.03 -2.29
CA PHE C 101 6.32 -12.95 -3.11
C PHE C 101 5.73 -14.30 -3.47
N ALA C 102 6.57 -15.33 -3.53
CA ALA C 102 6.15 -16.64 -3.97
C ALA C 102 4.99 -17.12 -3.12
N GLY C 103 3.92 -17.57 -3.77
CA GLY C 103 2.75 -18.03 -3.03
C GLY C 103 1.81 -16.97 -2.52
N LYS C 104 2.20 -15.71 -2.52
CA LYS C 104 1.29 -14.64 -2.12
C LYS C 104 0.17 -14.54 -3.14
N GLU C 105 -1.02 -14.19 -2.65
CA GLU C 105 -2.21 -14.17 -3.48
C GLU C 105 -2.97 -12.88 -3.23
N VAL C 106 -3.82 -12.50 -4.19
CA VAL C 106 -4.56 -11.23 -4.16
C VAL C 106 -6.02 -11.52 -4.38
N VAL C 107 -6.88 -10.86 -3.61
CA VAL C 107 -8.33 -11.07 -3.70
C VAL C 107 -9.03 -9.75 -4.00
N PHE C 108 -9.83 -9.73 -5.07
CA PHE C 108 -10.71 -8.60 -5.40
C PHE C 108 -12.16 -9.02 -5.15
N TYR C 109 -12.89 -8.28 -4.30
CA TYR C 109 -14.24 -8.68 -3.84
C TYR C 109 -15.38 -8.17 -4.72
N TYR C 121 -15.89 -13.05 -4.71
CA TYR C 121 -14.48 -12.69 -4.68
C TYR C 121 -13.60 -13.52 -5.66
N GLU C 122 -12.40 -13.03 -5.95
CA GLU C 122 -11.52 -13.68 -6.92
C GLU C 122 -10.06 -13.65 -6.48
N SER C 123 -9.39 -14.80 -6.45
CA SER C 123 -8.01 -14.91 -5.96
C SER C 123 -7.00 -15.16 -7.10
N PHE C 124 -5.87 -14.45 -7.08
CA PHE C 124 -4.77 -14.52 -8.05
C PHE C 124 -3.41 -14.49 -7.38
N PRO C 125 -2.43 -15.14 -7.97
CA PRO C 125 -1.04 -14.96 -7.53
C PRO C 125 -0.45 -13.72 -8.16
N TRP C 126 0.42 -13.04 -7.40
CA TRP C 126 1.07 -11.87 -7.97
C TRP C 126 2.00 -12.26 -9.12
N PHE C 127 2.87 -13.24 -8.88
CA PHE C 127 3.90 -13.69 -9.84
C PHE C 127 3.57 -15.07 -10.37
N ILE C 128 3.90 -15.32 -11.64
CA ILE C 128 3.69 -16.64 -12.23
C ILE C 128 5.00 -17.32 -12.63
N LYS C 129 6.16 -16.73 -12.30
CA LYS C 129 7.47 -17.32 -12.53
C LYS C 129 8.37 -16.68 -11.51
N PRO C 130 9.34 -17.40 -10.97
CA PRO C 130 10.28 -16.77 -10.03
C PRO C 130 11.05 -15.63 -10.68
N ALA C 131 11.46 -14.68 -9.84
CA ALA C 131 12.36 -13.63 -10.27
C ALA C 131 13.75 -14.20 -10.55
N HIS C 132 14.51 -13.43 -11.33
CA HIS C 132 15.86 -13.80 -11.71
C HIS C 132 16.62 -12.54 -12.14
N SER C 133 17.95 -12.61 -12.02
CA SER C 133 18.84 -11.49 -12.29
C SER C 133 19.71 -11.78 -13.52
N PRO C 134 19.42 -11.18 -14.68
CA PRO C 134 20.34 -11.37 -15.81
C PRO C 134 21.67 -10.69 -15.60
N SER C 135 21.70 -9.48 -15.06
CA SER C 135 22.93 -8.75 -14.89
C SER C 135 23.08 -8.36 -13.44
N ARG C 136 24.33 -8.15 -13.02
CA ARG C 136 24.62 -7.70 -11.67
C ARG C 136 24.00 -6.32 -11.44
N GLY C 137 23.20 -6.22 -10.37
CA GLY C 137 22.51 -4.99 -10.03
C GLY C 137 21.18 -4.80 -10.71
N LEU C 138 20.63 -5.86 -11.30
CA LEU C 138 19.44 -5.79 -12.16
C LEU C 138 18.60 -7.03 -11.86
N TYR C 139 17.29 -6.83 -11.65
CA TYR C 139 16.38 -7.95 -11.43
C TYR C 139 15.22 -7.87 -12.42
N SER C 140 14.79 -9.04 -12.92
CA SER C 140 13.67 -9.17 -13.86
C SER C 140 12.53 -10.00 -13.29
N VAL C 141 11.30 -9.47 -13.42
CA VAL C 141 10.14 -10.06 -12.78
C VAL C 141 8.99 -10.22 -13.77
N HIS C 142 8.17 -11.23 -13.52
CA HIS C 142 7.08 -11.61 -14.39
C HIS C 142 5.76 -11.45 -13.65
N ILE C 143 5.12 -10.28 -13.75
CA ILE C 143 3.80 -10.09 -13.13
C ILE C 143 2.73 -10.87 -13.86
N ASN C 144 1.79 -11.47 -13.08
CA ASN C 144 0.60 -12.15 -13.57
C ASN C 144 -0.11 -11.23 -14.53
N PRO C 145 -0.10 -11.53 -15.83
CA PRO C 145 -0.77 -10.68 -16.81
C PRO C 145 -2.27 -10.50 -16.61
N TYR C 146 -2.96 -11.41 -15.93
CA TYR C 146 -4.37 -11.17 -15.61
C TYR C 146 -4.57 -10.04 -14.59
N LEU C 147 -3.50 -9.57 -13.93
CA LEU C 147 -3.61 -8.44 -13.02
C LEU C 147 -3.59 -7.10 -13.71
N ILE C 148 -3.06 -7.03 -14.95
CA ILE C 148 -2.94 -5.74 -15.66
C ILE C 148 -4.23 -4.95 -15.63
N PRO C 149 -5.40 -5.50 -16.02
CA PRO C 149 -6.61 -4.67 -16.04
C PRO C 149 -7.02 -4.16 -14.67
N PHE C 150 -6.64 -4.85 -13.60
CA PHE C 150 -6.94 -4.32 -12.27
C PHE C 150 -6.04 -3.15 -11.93
N PHE C 151 -4.87 -3.05 -12.55
CA PHE C 151 -3.99 -1.92 -12.25
C PHE C 151 -4.47 -0.67 -12.94
N ILE C 152 -4.92 -0.82 -14.18
CA ILE C 152 -5.35 0.29 -15.04
C ILE C 152 -6.83 0.12 -15.37
N GLY C 153 -7.67 1.04 -14.86
CA GLY C 153 -9.10 1.00 -15.13
C GLY C 153 -9.65 2.07 -16.05
N ARG C 157 -12.78 6.53 -11.59
CA ARG C 157 -12.82 5.41 -10.66
C ARG C 157 -11.39 4.94 -10.34
N PHE C 158 -10.57 5.89 -9.86
CA PHE C 158 -9.12 5.69 -9.69
C PHE C 158 -8.56 6.49 -8.50
N THR C 159 -7.34 6.13 -8.08
CA THR C 159 -6.62 6.72 -6.94
C THR C 159 -5.28 7.29 -7.42
N GLN C 160 -4.86 8.46 -6.91
CA GLN C 160 -3.57 9.00 -7.38
C GLN C 160 -2.84 9.81 -6.31
N PHE C 161 -1.52 9.72 -6.31
CA PHE C 161 -0.65 10.38 -5.34
C PHE C 161 0.79 10.42 -5.87
N ARG C 162 1.55 11.44 -5.47
CA ARG C 162 2.96 11.43 -5.83
C ARG C 162 3.76 10.57 -4.86
N LEU C 163 4.80 9.92 -5.39
CA LEU C 163 5.50 8.89 -4.62
C LEU C 163 6.21 9.46 -3.41
N SER C 164 6.64 10.72 -3.48
CA SER C 164 7.24 11.40 -2.34
C SER C 164 6.29 11.51 -1.15
N GLU C 165 4.98 11.43 -1.39
CA GLU C 165 4.01 11.51 -0.29
C GLU C 165 4.12 10.31 0.66
N THR C 166 4.53 9.14 0.15
CA THR C 166 4.50 7.92 0.93
C THR C 166 5.86 7.33 1.23
N LYS C 167 6.95 7.88 0.69
CA LYS C 167 8.19 7.13 0.75
C LYS C 167 8.85 7.18 2.11
N GLU C 168 8.37 7.99 3.04
CA GLU C 168 8.91 7.96 4.39
C GLU C 168 8.09 7.12 5.37
N ILE C 169 6.90 6.66 4.98
CA ILE C 169 6.11 5.77 5.85
C ILE C 169 6.81 4.43 6.03
N THR C 170 6.78 3.94 7.27
CA THR C 170 7.42 2.66 7.60
C THR C 170 6.45 1.50 7.75
N ASN C 171 5.35 1.72 8.48
CA ASN C 171 4.38 0.67 8.75
C ASN C 171 3.53 0.44 7.50
N PRO C 172 3.46 -0.80 6.98
CA PRO C 172 2.72 -1.02 5.73
C PRO C 172 1.25 -0.78 5.86
N TYR C 173 0.68 -1.04 7.04
CA TYR C 173 -0.74 -0.73 7.28
C TYR C 173 -0.98 0.75 7.15
N ALA C 174 0.02 1.57 7.48
CA ALA C 174 -0.11 3.00 7.29
C ALA C 174 -0.06 3.40 5.83
N MET C 175 0.72 2.69 5.00
CA MET C 175 0.62 2.88 3.56
C MET C 175 -0.80 2.57 3.06
N ARG C 176 -1.34 1.40 3.41
N ARG C 176 -1.34 1.40 3.41
CA ARG C 176 -2.69 1.04 2.96
CA ARG C 176 -2.69 1.04 2.96
C ARG C 176 -3.69 2.13 3.31
C ARG C 176 -3.69 2.12 3.32
N LEU C 177 -3.64 2.58 4.57
CA LEU C 177 -4.55 3.62 5.01
C LEU C 177 -4.37 4.89 4.21
N TYR C 178 -3.13 5.30 3.95
CA TYR C 178 -2.97 6.55 3.21
C TYR C 178 -3.48 6.44 1.78
N GLU C 179 -3.42 5.24 1.19
CA GLU C 179 -3.94 5.05 -0.15
C GLU C 179 -5.46 5.17 -0.13
N SER C 180 -6.12 4.54 0.84
N SER C 180 -6.10 4.54 0.86
CA SER C 180 -7.58 4.52 0.82
CA SER C 180 -7.56 4.49 0.90
C SER C 180 -8.15 5.89 1.09
C SER C 180 -8.15 5.87 1.10
N LEU C 181 -7.43 6.74 1.82
CA LEU C 181 -7.91 8.10 2.03
C LEU C 181 -7.75 8.94 0.76
N CYS C 182 -6.63 8.74 0.04
CA CYS C 182 -6.38 9.46 -1.20
C CYS C 182 -7.52 9.24 -2.19
N GLN C 183 -8.08 8.02 -2.20
CA GLN C 183 -9.20 7.67 -3.05
C GLN C 183 -10.39 8.64 -2.90
N TYR C 184 -10.50 9.30 -1.74
CA TYR C 184 -11.60 10.23 -1.46
C TYR C 184 -11.17 11.69 -1.40
N ARG C 185 -9.90 11.99 -1.70
CA ARG C 185 -9.40 13.36 -1.55
C ARG C 185 -10.01 14.21 -2.66
N LYS C 186 -10.22 15.52 -2.37
CA LYS C 186 -10.69 16.49 -3.35
C LYS C 186 -9.51 17.22 -3.97
N PRO C 187 -9.69 17.83 -5.17
CA PRO C 187 -8.59 18.58 -5.82
C PRO C 187 -7.76 19.45 -4.88
N ASP C 188 -8.45 20.21 -4.04
CA ASP C 188 -7.82 21.15 -3.11
C ASP C 188 -7.01 20.45 -2.02
N GLY C 189 -7.40 19.25 -1.62
CA GLY C 189 -6.51 18.45 -0.81
C GLY C 189 -7.19 17.94 0.46
N SER C 190 -8.50 18.12 0.59
CA SER C 190 -9.23 17.72 1.79
C SER C 190 -10.17 16.55 1.50
N GLY C 191 -10.66 15.93 2.56
CA GLY C 191 -11.69 14.90 2.40
C GLY C 191 -12.18 14.37 3.75
N ILE C 192 -13.24 13.54 3.67
CA ILE C 192 -13.87 12.91 4.82
C ILE C 192 -14.52 11.59 4.42
N VAL C 193 -14.30 10.52 5.20
CA VAL C 193 -14.79 9.18 4.87
C VAL C 193 -14.97 8.30 6.12
N SER C 194 -15.96 7.40 6.06
CA SER C 194 -16.24 6.43 7.10
C SER C 194 -15.93 5.01 6.64
N LEU C 195 -14.96 4.37 7.29
CA LEU C 195 -14.58 3.00 6.99
C LEU C 195 -15.05 2.08 8.10
N LYS C 196 -15.60 0.94 7.70
CA LYS C 196 -16.10 -0.03 8.67
C LYS C 196 -14.99 -0.88 9.27
N ILE C 197 -15.09 -1.16 10.57
CA ILE C 197 -13.98 -1.85 11.22
C ILE C 197 -13.82 -3.25 10.67
N ASP C 198 -14.90 -4.02 10.51
CA ASP C 198 -14.69 -5.36 9.92
C ASP C 198 -14.05 -5.26 8.52
N TRP C 199 -14.43 -4.26 7.70
CA TRP C 199 -13.83 -4.14 6.36
C TRP C 199 -12.36 -3.76 6.39
N ILE C 200 -11.95 -2.89 7.33
CA ILE C 200 -10.53 -2.62 7.51
C ILE C 200 -9.79 -3.89 7.82
N ILE C 201 -10.34 -4.74 8.68
CA ILE C 201 -9.60 -5.92 9.10
C ILE C 201 -9.41 -6.90 7.95
N GLU C 202 -10.44 -7.09 7.12
N GLU C 202 -10.42 -7.06 7.09
CA GLU C 202 -10.36 -8.02 5.99
CA GLU C 202 -10.28 -8.04 6.02
C GLU C 202 -9.41 -7.49 4.91
C GLU C 202 -9.42 -7.52 4.87
N ARG C 203 -9.71 -6.28 4.41
CA ARG C 203 -8.99 -5.71 3.29
C ARG C 203 -7.51 -5.56 3.55
N TYR C 204 -7.12 -5.09 4.74
CA TYR C 204 -5.71 -4.89 5.02
C TYR C 204 -5.05 -6.13 5.57
N GLN C 205 -5.85 -7.15 5.91
N GLN C 205 -5.83 -7.13 5.97
CA GLN C 205 -5.42 -8.39 6.56
CA GLN C 205 -5.32 -8.40 6.51
C GLN C 205 -4.55 -8.11 7.78
C GLN C 205 -4.54 -8.15 7.81
N LEU C 206 -5.16 -7.41 8.72
CA LEU C 206 -4.61 -7.18 10.03
C LEU C 206 -4.51 -8.50 10.79
N PRO C 207 -3.55 -8.62 11.72
CA PRO C 207 -3.39 -9.88 12.47
C PRO C 207 -4.50 -10.09 13.49
N GLN C 208 -4.64 -11.35 13.95
CA GLN C 208 -5.88 -11.77 14.62
C GLN C 208 -6.12 -11.05 15.95
N SER C 209 -5.04 -10.77 16.71
CA SER C 209 -5.27 -10.14 18.01
C SER C 209 -5.83 -8.72 17.92
N TYR C 210 -5.87 -8.12 16.73
CA TYR C 210 -6.46 -6.80 16.58
C TYR C 210 -7.97 -6.88 16.43
N GLN C 211 -8.54 -8.09 16.50
CA GLN C 211 -9.99 -8.19 16.71
C GLN C 211 -10.41 -7.82 18.12
N ARG C 212 -9.48 -7.70 19.06
CA ARG C 212 -9.73 -7.10 20.36
C ARG C 212 -9.52 -5.60 20.23
N MET C 213 -10.60 -4.85 20.44
CA MET C 213 -10.56 -3.42 20.11
C MET C 213 -9.46 -2.62 20.80
N PRO C 214 -9.14 -2.85 22.07
CA PRO C 214 -8.04 -2.06 22.66
C PRO C 214 -6.71 -2.30 21.97
N ASP C 215 -6.46 -3.51 21.45
CA ASP C 215 -5.23 -3.72 20.70
C ASP C 215 -5.28 -3.04 19.32
N PHE C 216 -6.44 -3.05 18.66
CA PHE C 216 -6.62 -2.32 17.40
C PHE C 216 -6.24 -0.85 17.56
N ARG C 217 -6.79 -0.20 18.60
CA ARG C 217 -6.46 1.18 18.92
C ARG C 217 -4.97 1.34 19.18
N ARG C 218 -4.42 0.49 20.05
CA ARG C 218 -3.11 0.81 20.58
C ARG C 218 -2.02 0.54 19.56
N ARG C 219 -2.11 -0.56 18.82
CA ARG C 219 -0.99 -0.96 17.96
C ARG C 219 -1.18 -0.67 16.46
N PHE C 220 -2.38 -0.33 16.01
CA PHE C 220 -2.65 -0.01 14.61
C PHE C 220 -3.17 1.41 14.43
N LEU C 221 -4.32 1.73 15.01
CA LEU C 221 -4.95 3.01 14.71
C LEU C 221 -4.07 4.18 15.12
N GLN C 222 -3.70 4.25 16.38
CA GLN C 222 -2.93 5.38 16.87
C GLN C 222 -1.57 5.52 16.19
N VAL C 223 -0.89 4.40 15.93
CA VAL C 223 0.46 4.49 15.37
C VAL C 223 0.40 5.02 13.93
N CYS C 224 -0.56 4.54 13.15
CA CYS C 224 -0.63 4.89 11.75
C CYS C 224 -1.17 6.30 11.58
N VAL C 225 -2.05 6.76 12.46
CA VAL C 225 -2.41 8.17 12.39
C VAL C 225 -1.21 9.06 12.75
N ASN C 226 -0.31 8.60 13.62
N ASN C 226 -0.35 8.63 13.67
CA ASN C 226 0.82 9.42 14.02
CA ASN C 226 0.84 9.40 14.02
C ASN C 226 1.92 9.46 12.98
C ASN C 226 1.84 9.49 12.88
N GLU C 227 2.18 8.34 12.28
CA GLU C 227 3.11 8.36 11.16
C GLU C 227 2.63 9.30 10.06
N ILE C 228 1.38 9.15 9.62
CA ILE C 228 0.83 10.02 8.58
C ILE C 228 0.99 11.47 8.98
N ASN C 229 0.62 11.82 10.21
CA ASN C 229 0.79 13.20 10.65
C ASN C 229 2.25 13.61 10.73
N SER C 230 3.18 12.66 10.86
CA SER C 230 4.60 12.98 11.01
C SER C 230 5.41 12.81 9.73
N ARG C 231 4.91 12.06 8.73
CA ARG C 231 5.70 11.59 7.59
C ARG C 231 5.14 11.95 6.23
N THR C 232 3.93 12.48 6.14
CA THR C 232 3.32 12.88 4.88
C THR C 232 2.94 14.35 4.96
N PRO C 233 2.57 15.00 3.87
CA PRO C 233 2.07 16.38 3.97
C PRO C 233 0.61 16.54 4.39
N MET C 234 -0.06 15.52 4.93
N MET C 234 0.01 15.50 4.97
CA MET C 234 -1.46 15.68 5.28
CA MET C 234 -1.39 15.50 5.35
C MET C 234 -1.68 15.55 6.78
C MET C 234 -1.54 15.70 6.87
N ARG C 235 -2.67 16.31 7.26
CA ARG C 235 -3.01 16.48 8.69
C ARG C 235 -4.34 15.79 9.00
N LEU C 236 -4.29 14.76 9.86
CA LEU C 236 -5.35 13.76 9.98
C LEU C 236 -5.96 13.70 11.38
N SER C 237 -7.29 13.62 11.47
CA SER C 237 -8.01 13.39 12.73
C SER C 237 -9.09 12.34 12.52
N TYR C 238 -9.67 11.84 13.63
CA TYR C 238 -10.70 10.82 13.49
C TYR C 238 -11.60 10.79 14.72
N ILE C 239 -12.72 10.07 14.59
CA ILE C 239 -13.65 9.85 15.70
C ILE C 239 -14.31 8.49 15.49
N GLU C 240 -14.71 7.86 16.57
CA GLU C 240 -15.23 6.50 16.52
C GLU C 240 -16.75 6.49 16.50
N LYS C 241 -17.33 5.63 15.68
CA LYS C 241 -18.77 5.50 15.66
C LYS C 241 -19.10 4.21 16.40
N LYS C 242 -20.06 4.28 17.33
CA LYS C 242 -20.44 3.15 18.16
C LYS C 242 -21.90 2.81 17.93
N LYS C 243 -22.21 1.56 18.25
CA LYS C 243 -23.57 1.02 18.25
C LYS C 243 -23.64 0.07 19.42
N GLY C 244 -24.35 0.49 20.45
CA GLY C 244 -24.32 -0.25 21.69
C GLY C 244 -22.95 -0.13 22.34
N ARG C 245 -22.38 -1.26 22.76
CA ARG C 245 -21.03 -1.25 23.30
C ARG C 245 -19.93 -1.36 22.24
N GLN C 246 -20.26 -1.81 21.04
CA GLN C 246 -19.26 -2.08 20.00
C GLN C 246 -18.95 -0.85 19.16
N THR C 247 -17.68 -0.70 18.81
CA THR C 247 -17.26 0.34 17.87
C THR C 247 -17.27 -0.26 16.47
N THR C 248 -17.99 0.38 15.54
CA THR C 248 -18.24 -0.21 14.24
C THR C 248 -17.54 0.47 13.08
N HIS C 249 -17.38 1.79 13.09
CA HIS C 249 -16.69 2.47 12.00
C HIS C 249 -15.69 3.44 12.56
N ILE C 250 -14.78 3.89 11.72
CA ILE C 250 -13.90 4.99 12.07
C ILE C 250 -14.11 6.08 11.03
N VAL C 251 -14.31 7.32 11.47
CA VAL C 251 -14.61 8.46 10.61
C VAL C 251 -13.38 9.36 10.52
N PHE C 252 -12.82 9.49 9.33
CA PHE C 252 -11.57 10.23 9.10
C PHE C 252 -11.82 11.58 8.46
N SER C 253 -11.22 12.65 9.00
CA SER C 253 -11.15 13.96 8.34
C SER C 253 -9.71 14.37 8.13
N PHE C 254 -9.44 15.03 7.01
CA PHE C 254 -8.09 15.48 6.68
C PHE C 254 -8.10 16.71 5.76
N ARG C 255 -6.99 17.46 5.80
CA ARG C 255 -6.70 18.62 4.94
C ARG C 255 -5.25 18.53 4.47
N ASP C 256 -4.84 19.44 3.57
CA ASP C 256 -3.47 19.44 3.05
C ASP C 256 -2.71 20.59 3.71
N ILE C 257 -1.44 20.33 4.02
CA ILE C 257 -0.60 21.34 4.63
C ILE C 257 0.01 22.26 3.58
#